data_8ZSE
#
_entry.id   8ZSE
#
_cell.length_a   95.180
_cell.length_b   95.180
_cell.length_c   232.350
_cell.angle_alpha   90.00
_cell.angle_beta   90.00
_cell.angle_gamma   90.00
#
_symmetry.space_group_name_H-M   'P 41 2 2'
#
loop_
_entity.id
_entity.type
_entity.pdbx_description
1 polymer 'Papain-like protease nsp3'
2 non-polymer 'ZINC ION'
3 non-polymer 2-methyl-5-(4-methylpiperazin-1-yl)-~{N}-(1-quinolin-4-ylcyclopropyl)benzamide
4 water water
#
_entity_poly.entity_id   1
_entity_poly.type   'polypeptide(L)'
_entity_poly.pdbx_seq_one_letter_code
;GEVRTIKVFTTVDNINLHTQVVDMSMTYGQQFGPTYLDGADVTKIKPHNSHEGKTFYVLPNDDTLRVEAFEYYHTTDPSF
LGRYMSALNHTKKWKYPQVNGLTSIKWADNNSYLATALLTLQQIELKFNPPALQDAYYRARAGEAANFCALILAYCNKTV
GELGDVRETMSYLFQHANLDSCKRVLNVVCKTCGQQQTTLKGVEAVMYMGTLSYEQFKKGVQIPCTCGKQATKYLVQQES
PFVMMSAPPAQYELKHGTFTCASEYTGNYQCGHYKHITSKETLYCIDGALLTKSSEYKGPITDVFYKENSYTTTIK
;
_entity_poly.pdbx_strand_id   A,B
#
# COMPACT_ATOMS: atom_id res chain seq x y z
N GLU A 2 -28.42 -28.02 31.01
CA GLU A 2 -28.25 -26.59 31.27
C GLU A 2 -27.17 -25.95 30.36
N VAL A 3 -26.48 -26.75 29.53
CA VAL A 3 -25.58 -26.23 28.49
C VAL A 3 -25.61 -27.19 27.30
N ARG A 4 -25.86 -26.66 26.10
CA ARG A 4 -25.77 -27.45 24.88
C ARG A 4 -24.48 -27.12 24.11
N THR A 5 -23.96 -28.12 23.41
CA THR A 5 -22.66 -28.03 22.77
C THR A 5 -22.68 -28.79 21.45
N ILE A 6 -21.74 -28.44 20.57
CA ILE A 6 -21.54 -29.14 19.29
C ILE A 6 -20.06 -29.34 19.02
N LYS A 7 -19.73 -30.42 18.32
CA LYS A 7 -18.35 -30.72 17.95
C LYS A 7 -17.95 -29.94 16.70
N VAL A 8 -16.72 -29.41 16.71
CA VAL A 8 -16.15 -28.70 15.57
C VAL A 8 -14.65 -28.91 15.64
N PHE A 9 -13.96 -28.72 14.51
CA PHE A 9 -12.50 -28.85 14.47
C PHE A 9 -11.85 -27.50 14.15
N THR A 10 -10.90 -27.10 14.99
CA THR A 10 -10.07 -25.92 14.73
C THR A 10 -8.71 -26.34 14.18
N THR A 11 -8.02 -25.36 13.59
CA THR A 11 -6.81 -25.62 12.82
C THR A 11 -6.18 -24.29 12.46
N VAL A 12 -4.86 -24.29 12.31
CA VAL A 12 -4.15 -23.18 11.72
C VAL A 12 -3.55 -23.54 10.38
N ASP A 13 -3.69 -24.81 9.95
CA ASP A 13 -3.16 -25.26 8.67
C ASP A 13 -4.12 -26.17 7.92
N ASN A 14 -5.35 -26.37 8.38
CA ASN A 14 -6.32 -27.26 7.72
C ASN A 14 -5.73 -28.67 7.51
N ILE A 15 -4.79 -29.06 8.36
CA ILE A 15 -4.10 -30.33 8.18
C ILE A 15 -3.96 -31.06 9.51
N ASN A 16 -3.63 -30.33 10.58
CA ASN A 16 -3.76 -30.85 11.94
C ASN A 16 -5.08 -30.32 12.50
N LEU A 17 -6.14 -31.14 12.42
CA LEU A 17 -7.43 -30.77 13.00
C LEU A 17 -7.46 -31.11 14.48
N HIS A 18 -7.91 -30.14 15.27
CA HIS A 18 -8.01 -30.34 16.73
C HIS A 18 -9.49 -30.34 17.13
N THR A 19 -9.96 -31.45 17.67
CA THR A 19 -11.34 -31.54 18.14
C THR A 19 -11.64 -30.56 19.27
N GLN A 20 -12.74 -29.81 19.15
CA GLN A 20 -13.24 -28.98 20.25
C GLN A 20 -14.75 -29.13 20.36
N VAL A 21 -15.28 -28.78 21.53
CA VAL A 21 -16.73 -28.65 21.76
C VAL A 21 -17.03 -27.19 22.06
N VAL A 22 -18.01 -26.63 21.37
CA VAL A 22 -18.33 -25.21 21.49
C VAL A 22 -19.69 -25.05 22.16
N ASP A 23 -19.83 -23.94 22.89
CA ASP A 23 -21.04 -23.63 23.62
C ASP A 23 -21.94 -22.78 22.73
N MET A 24 -23.13 -23.29 22.40
CA MET A 24 -24.03 -22.64 21.46
C MET A 24 -24.64 -21.36 21.99
N SER A 25 -24.35 -20.97 23.21
CA SER A 25 -24.78 -19.69 23.74
C SER A 25 -23.69 -18.64 23.68
N MET A 26 -22.45 -19.04 23.39
CA MET A 26 -21.32 -18.11 23.29
C MET A 26 -20.91 -17.91 21.84
N THR A 27 -20.23 -16.80 21.58
CA THR A 27 -19.66 -16.61 20.26
C THR A 27 -18.38 -17.40 20.12
N TYR A 28 -18.06 -17.74 18.87
CA TYR A 28 -16.74 -18.27 18.57
C TYR A 28 -15.65 -17.35 19.10
N GLY A 29 -15.94 -16.05 19.20
CA GLY A 29 -14.94 -15.12 19.67
C GLY A 29 -14.58 -15.34 21.14
N GLN A 30 -15.60 -15.43 22.00
CA GLN A 30 -15.33 -15.61 23.43
C GLN A 30 -14.65 -16.95 23.70
N GLN A 31 -14.94 -17.97 22.87
CA GLN A 31 -14.38 -19.30 23.08
C GLN A 31 -13.00 -19.44 22.45
N PHE A 32 -12.80 -18.95 21.23
CA PHE A 32 -11.64 -19.34 20.44
C PHE A 32 -10.66 -18.21 20.17
N GLY A 33 -11.02 -16.97 20.43
CA GLY A 33 -10.35 -15.85 19.79
C GLY A 33 -10.90 -15.66 18.39
N PRO A 34 -10.22 -14.85 17.58
CA PRO A 34 -10.62 -14.68 16.19
C PRO A 34 -10.81 -16.02 15.46
N THR A 35 -11.98 -16.17 14.83
CA THR A 35 -12.31 -17.39 14.11
C THR A 35 -12.80 -17.04 12.71
N TYR A 36 -12.39 -17.88 11.74
CA TYR A 36 -12.87 -17.79 10.37
C TYR A 36 -13.44 -19.14 9.97
N LEU A 37 -14.57 -19.11 9.26
CA LEU A 37 -15.12 -20.31 8.61
C LEU A 37 -15.20 -19.99 7.12
N ASP A 38 -14.37 -20.68 6.33
CA ASP A 38 -14.31 -20.50 4.89
C ASP A 38 -14.02 -19.04 4.51
N GLY A 39 -13.17 -18.40 5.30
CA GLY A 39 -12.82 -17.02 5.11
C GLY A 39 -13.68 -16.04 5.88
N ALA A 40 -14.89 -16.46 6.28
CA ALA A 40 -15.84 -15.56 6.94
C ALA A 40 -15.46 -15.36 8.41
N ASP A 41 -15.24 -14.09 8.79
CA ASP A 41 -14.90 -13.76 10.21
C ASP A 41 -16.12 -14.03 11.10
N VAL A 42 -16.24 -15.26 11.60
CA VAL A 42 -17.36 -15.67 12.45
C VAL A 42 -17.08 -15.36 13.92
N THR A 43 -16.09 -14.51 14.21
CA THR A 43 -15.79 -14.16 15.60
C THR A 43 -17.04 -13.71 16.36
N LYS A 44 -17.77 -12.73 15.83
CA LYS A 44 -18.90 -12.14 16.54
C LYS A 44 -20.22 -12.91 16.35
N ILE A 45 -20.17 -14.19 15.96
CA ILE A 45 -21.38 -15.00 15.77
C ILE A 45 -21.30 -16.25 16.66
N LYS A 46 -22.46 -16.65 17.20
CA LYS A 46 -22.60 -17.88 17.97
C LYS A 46 -22.86 -19.08 17.05
N PRO A 47 -22.65 -20.31 17.54
CA PRO A 47 -22.79 -21.47 16.66
C PRO A 47 -24.21 -21.71 16.18
N HIS A 48 -24.49 -21.44 14.91
CA HIS A 48 -25.67 -22.03 14.29
C HIS A 48 -25.48 -23.54 14.22
N ASN A 49 -26.59 -24.28 14.22
CA ASN A 49 -26.53 -25.72 14.42
C ASN A 49 -25.90 -26.44 13.22
N SER A 50 -25.92 -25.81 12.04
CA SER A 50 -25.31 -26.39 10.84
C SER A 50 -23.81 -26.58 10.95
N HIS A 51 -23.19 -26.02 11.99
CA HIS A 51 -21.74 -25.98 12.10
C HIS A 51 -21.12 -27.30 12.57
N GLU A 52 -21.89 -28.21 13.17
CA GLU A 52 -21.33 -29.49 13.61
C GLU A 52 -20.41 -30.09 12.55
N GLY A 53 -19.21 -30.50 12.97
CA GLY A 53 -18.27 -31.18 12.09
C GLY A 53 -17.41 -30.28 11.22
N LYS A 54 -17.81 -29.03 11.02
CA LYS A 54 -17.07 -28.09 10.19
C LYS A 54 -15.71 -27.76 10.79
N THR A 55 -14.82 -27.24 9.94
CA THR A 55 -13.47 -26.86 10.35
C THR A 55 -13.34 -25.35 10.37
N PHE A 56 -12.72 -24.81 11.42
CA PHE A 56 -12.57 -23.36 11.56
C PHE A 56 -11.10 -23.00 11.67
N TYR A 57 -10.74 -21.83 11.15
CA TYR A 57 -9.39 -21.35 11.31
C TYR A 57 -9.35 -20.45 12.53
N VAL A 58 -8.24 -20.52 13.27
CA VAL A 58 -8.08 -19.73 14.47
C VAL A 58 -6.68 -19.12 14.44
N LEU A 59 -6.43 -18.20 15.37
CA LEU A 59 -5.08 -17.71 15.53
C LEU A 59 -4.29 -18.64 16.44
N PRO A 60 -2.97 -18.71 16.23
CA PRO A 60 -2.13 -19.52 17.10
C PRO A 60 -1.97 -18.96 18.52
N ASN A 61 -2.93 -19.27 19.40
CA ASN A 61 -2.85 -18.78 20.77
C ASN A 61 -1.83 -19.56 21.62
N ASP A 62 -1.73 -20.89 21.46
CA ASP A 62 -0.80 -21.64 22.29
C ASP A 62 0.56 -21.83 21.57
N ASP A 63 1.49 -22.56 22.19
CA ASP A 63 2.77 -22.79 21.54
C ASP A 63 2.73 -23.95 20.56
N THR A 64 1.84 -24.91 20.72
CA THR A 64 1.70 -25.95 19.70
C THR A 64 1.26 -25.33 18.37
N LEU A 65 0.22 -24.52 18.40
CA LEU A 65 -0.29 -23.88 17.20
C LEU A 65 0.75 -22.96 16.56
N ARG A 66 1.50 -22.21 17.37
CA ARG A 66 2.54 -21.34 16.80
C ARG A 66 3.56 -22.15 16.02
N VAL A 67 3.86 -23.37 16.49
CA VAL A 67 4.71 -24.28 15.73
C VAL A 67 3.94 -24.85 14.54
N GLU A 68 2.73 -25.35 14.79
CA GLU A 68 1.89 -25.88 13.67
C GLU A 68 1.79 -24.83 12.57
N ALA A 69 1.80 -23.54 12.92
CA ALA A 69 1.63 -22.47 11.94
C ALA A 69 2.93 -22.07 11.25
N PHE A 70 4.04 -22.05 12.00
CA PHE A 70 5.32 -21.80 11.33
C PHE A 70 5.59 -22.89 10.30
N GLU A 71 5.38 -24.16 10.66
CA GLU A 71 5.62 -25.24 9.71
C GLU A 71 4.78 -25.06 8.44
N TYR A 72 3.52 -24.64 8.55
CA TYR A 72 2.69 -24.52 7.35
C TYR A 72 3.02 -23.30 6.51
N TYR A 73 3.33 -22.14 7.16
CA TYR A 73 3.47 -20.85 6.46
C TYR A 73 4.86 -20.22 6.53
N HIS A 74 5.74 -20.69 7.43
CA HIS A 74 7.04 -20.06 7.67
C HIS A 74 6.90 -18.65 8.22
N THR A 75 5.88 -18.42 9.06
CA THR A 75 5.69 -17.14 9.70
C THR A 75 5.51 -17.33 11.19
N THR A 76 5.98 -16.34 11.96
CA THR A 76 5.64 -16.25 13.37
C THR A 76 4.66 -15.14 13.65
N ASP A 77 4.66 -14.08 12.79
CA ASP A 77 3.78 -12.91 12.76
C ASP A 77 2.32 -13.28 12.99
N PRO A 78 1.71 -12.85 14.09
CA PRO A 78 0.31 -13.24 14.36
C PRO A 78 -0.70 -12.53 13.49
N SER A 79 -0.32 -11.42 12.85
CA SER A 79 -1.20 -10.73 11.90
C SER A 79 -1.40 -11.51 10.61
N PHE A 80 -0.51 -12.48 10.31
CA PHE A 80 -0.54 -13.18 9.03
C PHE A 80 -1.92 -13.73 8.73
N LEU A 81 -2.50 -14.50 9.64
CA LEU A 81 -3.79 -15.10 9.34
C LEU A 81 -4.78 -14.03 8.88
N GLY A 82 -4.81 -12.90 9.61
CA GLY A 82 -5.82 -11.89 9.34
C GLY A 82 -5.59 -11.15 8.03
N ARG A 83 -4.34 -10.75 7.78
CA ARG A 83 -4.01 -10.13 6.49
C ARG A 83 -4.39 -11.05 5.34
N TYR A 84 -4.00 -12.33 5.44
CA TYR A 84 -4.35 -13.33 4.43
C TYR A 84 -5.87 -13.46 4.25
N MET A 85 -6.61 -13.69 5.36
CA MET A 85 -8.07 -13.84 5.27
C MET A 85 -8.71 -12.63 4.63
N SER A 86 -8.10 -11.47 4.85
CA SER A 86 -8.59 -10.21 4.30
C SER A 86 -8.37 -10.13 2.79
N ALA A 87 -7.18 -10.51 2.33
CA ALA A 87 -6.93 -10.60 0.89
C ALA A 87 -7.84 -11.64 0.25
N LEU A 88 -8.04 -12.78 0.92
CA LEU A 88 -8.83 -13.84 0.32
C LEU A 88 -10.25 -13.38 0.03
N ASN A 89 -10.78 -12.48 0.85
CA ASN A 89 -12.11 -11.97 0.61
C ASN A 89 -12.19 -11.31 -0.75
N HIS A 90 -11.09 -10.69 -1.22
CA HIS A 90 -11.11 -10.12 -2.56
C HIS A 90 -10.84 -11.17 -3.62
N THR A 91 -9.77 -11.93 -3.45
CA THR A 91 -9.32 -12.81 -4.52
C THR A 91 -10.32 -13.93 -4.80
N LYS A 92 -11.14 -14.33 -3.81
CA LYS A 92 -12.18 -15.32 -4.12
C LYS A 92 -13.17 -14.79 -5.15
N LYS A 93 -13.29 -13.46 -5.32
CA LYS A 93 -14.20 -12.89 -6.30
C LYS A 93 -13.57 -12.64 -7.66
N TRP A 94 -12.24 -12.54 -7.74
CA TRP A 94 -11.59 -12.41 -9.03
C TRP A 94 -11.86 -13.65 -9.88
N LYS A 95 -11.77 -13.44 -11.19
CA LYS A 95 -11.79 -14.48 -12.21
C LYS A 95 -10.36 -14.84 -12.60
N TYR A 96 -10.16 -16.11 -12.93
CA TYR A 96 -8.83 -16.67 -13.19
C TYR A 96 -8.88 -17.51 -14.46
N PRO A 97 -9.04 -16.88 -15.62
CA PRO A 97 -9.19 -17.64 -16.86
C PRO A 97 -7.93 -18.41 -17.24
N GLN A 98 -8.14 -19.34 -18.17
CA GLN A 98 -7.06 -19.97 -18.91
C GLN A 98 -6.81 -19.12 -20.15
N VAL A 99 -5.58 -18.65 -20.28
CA VAL A 99 -5.16 -17.88 -21.44
C VAL A 99 -3.90 -18.56 -21.94
N ASN A 100 -3.97 -19.11 -23.15
CA ASN A 100 -2.75 -19.62 -23.80
C ASN A 100 -2.14 -20.74 -22.98
N GLY A 101 -2.99 -21.53 -22.33
CA GLY A 101 -2.49 -22.62 -21.51
C GLY A 101 -1.80 -22.21 -20.22
N LEU A 102 -2.31 -21.17 -19.57
CA LEU A 102 -1.72 -20.63 -18.34
C LEU A 102 -2.88 -20.05 -17.52
N THR A 103 -2.67 -19.93 -16.21
CA THR A 103 -3.67 -19.34 -15.32
C THR A 103 -3.33 -17.88 -15.12
N SER A 104 -4.22 -16.99 -15.55
CA SER A 104 -4.09 -15.54 -15.46
C SER A 104 -5.09 -15.00 -14.45
N ILE A 105 -5.19 -13.67 -14.35
CA ILE A 105 -6.20 -13.02 -13.52
C ILE A 105 -6.87 -11.92 -14.33
N LYS A 106 -8.19 -12.00 -14.45
CA LYS A 106 -8.93 -10.91 -15.05
C LYS A 106 -8.70 -9.64 -14.25
N TRP A 107 -8.48 -8.54 -14.97
CA TRP A 107 -8.13 -7.27 -14.28
C TRP A 107 -9.10 -6.91 -13.18
N ALA A 108 -8.53 -6.53 -12.03
CA ALA A 108 -9.31 -6.07 -10.89
C ALA A 108 -8.34 -5.41 -9.93
N ASP A 109 -8.90 -4.57 -9.04
CA ASP A 109 -8.20 -3.95 -7.92
C ASP A 109 -6.68 -3.90 -8.04
N ASN A 110 -6.18 -3.24 -9.09
CA ASN A 110 -4.73 -3.01 -9.24
C ASN A 110 -3.90 -4.29 -9.35
N ASN A 111 -4.44 -5.40 -9.87
CA ASN A 111 -3.72 -6.66 -9.78
C ASN A 111 -2.86 -7.01 -11.03
N SER A 112 -2.59 -6.05 -11.92
CA SER A 112 -1.73 -6.35 -13.06
C SER A 112 -0.43 -7.04 -12.61
N TYR A 113 0.20 -6.52 -11.55
CA TYR A 113 1.51 -7.05 -11.17
C TYR A 113 1.42 -8.47 -10.61
N LEU A 114 0.25 -8.88 -10.05
CA LEU A 114 0.09 -10.26 -9.57
C LEU A 114 -0.08 -11.24 -10.73
N ALA A 115 -0.83 -10.83 -11.76
CA ALA A 115 -0.97 -11.66 -12.94
C ALA A 115 0.38 -11.86 -13.65
N THR A 116 1.19 -10.80 -13.80
CA THR A 116 2.49 -11.03 -14.41
C THR A 116 3.33 -11.96 -13.53
N ALA A 117 3.16 -11.87 -12.22
CA ALA A 117 3.88 -12.76 -11.34
C ALA A 117 3.32 -14.18 -11.40
N LEU A 118 2.00 -14.32 -11.44
CA LEU A 118 1.41 -15.66 -11.48
C LEU A 118 1.83 -16.39 -12.76
N LEU A 119 1.73 -15.69 -13.89
CA LEU A 119 2.14 -16.24 -15.18
C LEU A 119 3.60 -16.67 -15.17
N THR A 120 4.46 -15.90 -14.54
CA THR A 120 5.88 -16.23 -14.58
C THR A 120 6.17 -17.46 -13.73
N LEU A 121 5.45 -17.61 -12.62
CA LEU A 121 5.71 -18.75 -11.74
C LEU A 121 5.28 -20.06 -12.40
N GLN A 122 4.29 -20.02 -13.29
CA GLN A 122 3.90 -21.23 -14.02
C GLN A 122 4.91 -21.63 -15.08
N GLN A 123 5.98 -20.85 -15.31
CA GLN A 123 6.95 -21.12 -16.36
C GLN A 123 8.39 -21.26 -15.89
N ILE A 124 8.67 -21.21 -14.60
CA ILE A 124 10.01 -21.51 -14.12
C ILE A 124 9.92 -22.61 -13.06
N GLU A 125 11.07 -23.26 -12.81
CA GLU A 125 11.12 -24.40 -11.90
C GLU A 125 11.32 -23.85 -10.49
N LEU A 126 10.34 -24.10 -9.64
CA LEU A 126 10.37 -23.54 -8.30
C LEU A 126 9.69 -24.53 -7.37
N LYS A 127 10.39 -24.89 -6.31
CA LYS A 127 9.79 -25.54 -5.16
C LYS A 127 9.80 -24.52 -4.02
N PHE A 128 8.63 -24.25 -3.46
CA PHE A 128 8.51 -23.43 -2.27
C PHE A 128 8.61 -24.30 -1.03
N ASN A 129 9.25 -23.79 0.01
CA ASN A 129 9.33 -24.56 1.25
C ASN A 129 8.05 -24.52 2.09
N PRO A 130 7.38 -23.41 2.32
CA PRO A 130 6.21 -23.47 3.18
C PRO A 130 5.11 -24.29 2.51
N PRO A 131 4.68 -25.39 3.13
CA PRO A 131 3.56 -26.16 2.58
C PRO A 131 2.35 -25.36 2.20
N ALA A 132 2.10 -24.22 2.86
CA ALA A 132 0.99 -23.38 2.45
C ALA A 132 1.22 -22.84 1.05
N LEU A 133 2.46 -22.48 0.71
CA LEU A 133 2.76 -21.92 -0.61
C LEU A 133 2.66 -22.99 -1.68
N GLN A 134 3.27 -24.15 -1.42
CA GLN A 134 3.34 -25.15 -2.47
C GLN A 134 1.96 -25.72 -2.77
N ASP A 135 1.13 -25.94 -1.73
CA ASP A 135 -0.23 -26.41 -2.01
C ASP A 135 -1.00 -25.37 -2.83
N ALA A 136 -0.87 -24.08 -2.49
CA ALA A 136 -1.60 -23.09 -3.27
C ALA A 136 -1.00 -22.95 -4.66
N TYR A 137 0.33 -23.02 -4.75
CA TYR A 137 0.99 -23.08 -6.07
C TYR A 137 0.34 -24.13 -6.95
N TYR A 138 0.31 -25.39 -6.48
CA TYR A 138 -0.25 -26.47 -7.28
C TYR A 138 -1.68 -26.14 -7.65
N ARG A 139 -2.50 -25.80 -6.66
CA ARG A 139 -3.91 -25.58 -6.93
C ARG A 139 -4.11 -24.41 -7.87
N ALA A 140 -3.17 -23.45 -7.87
CA ALA A 140 -3.27 -22.36 -8.83
C ALA A 140 -2.97 -22.82 -10.25
N ARG A 141 -2.05 -23.77 -10.42
CA ARG A 141 -1.80 -24.31 -11.75
C ARG A 141 -3.07 -24.86 -12.35
N ALA A 142 -3.95 -25.40 -11.52
CA ALA A 142 -5.19 -26.01 -11.96
C ALA A 142 -6.34 -25.02 -12.11
N GLY A 143 -6.12 -23.72 -11.88
CA GLY A 143 -7.16 -22.70 -12.05
C GLY A 143 -7.67 -22.08 -10.76
N GLU A 144 -7.45 -22.73 -9.61
CA GLU A 144 -7.92 -22.23 -8.31
C GLU A 144 -6.81 -21.40 -7.66
N ALA A 145 -6.62 -20.20 -8.20
CA ALA A 145 -5.52 -19.35 -7.79
C ALA A 145 -5.86 -18.39 -6.65
N ALA A 146 -7.10 -18.35 -6.16
CA ALA A 146 -7.47 -17.38 -5.14
C ALA A 146 -6.54 -17.49 -3.92
N ASN A 147 -6.41 -18.68 -3.34
CA ASN A 147 -5.53 -18.79 -2.18
C ASN A 147 -4.10 -18.45 -2.51
N PHE A 148 -3.64 -18.82 -3.72
CA PHE A 148 -2.25 -18.51 -4.05
C PHE A 148 -2.01 -17.02 -4.04
N CYS A 149 -2.90 -16.26 -4.69
CA CYS A 149 -2.74 -14.81 -4.73
C CYS A 149 -2.89 -14.19 -3.35
N ALA A 150 -3.80 -14.71 -2.52
CA ALA A 150 -3.98 -14.14 -1.19
C ALA A 150 -2.73 -14.34 -0.33
N LEU A 151 -2.08 -15.51 -0.43
CA LEU A 151 -0.82 -15.75 0.28
C LEU A 151 0.29 -14.82 -0.21
N ILE A 152 0.36 -14.54 -1.51
CA ILE A 152 1.36 -13.62 -2.02
C ILE A 152 1.18 -12.24 -1.41
N LEU A 153 -0.06 -11.73 -1.44
CA LEU A 153 -0.37 -10.48 -0.76
C LEU A 153 0.10 -10.51 0.70
N ALA A 154 -0.22 -11.60 1.41
CA ALA A 154 0.16 -11.70 2.81
C ALA A 154 1.68 -11.75 2.99
N TYR A 155 2.39 -12.49 2.13
CA TYR A 155 3.85 -12.56 2.29
C TYR A 155 4.51 -11.25 1.98
N CYS A 156 3.88 -10.43 1.17
CA CYS A 156 4.48 -9.19 0.72
C CYS A 156 4.13 -8.02 1.59
N ASN A 157 3.28 -8.22 2.61
CA ASN A 157 2.74 -7.15 3.43
CA ASN A 157 2.79 -7.12 3.43
C ASN A 157 2.15 -6.04 2.57
N LYS A 158 1.71 -6.42 1.38
CA LYS A 158 0.95 -5.61 0.46
C LYS A 158 -0.50 -6.01 0.64
N THR A 159 -1.38 -5.22 0.07
CA THR A 159 -2.81 -5.37 0.27
C THR A 159 -3.45 -5.09 -1.07
N VAL A 160 -4.58 -5.75 -1.34
CA VAL A 160 -5.37 -5.44 -2.53
C VAL A 160 -5.39 -3.92 -2.73
N GLY A 161 -5.22 -3.47 -3.98
CA GLY A 161 -5.26 -2.06 -4.30
C GLY A 161 -3.95 -1.31 -4.21
N GLU A 162 -2.95 -1.87 -3.53
CA GLU A 162 -1.60 -1.38 -3.69
C GLU A 162 -1.12 -1.82 -5.08
N LEU A 163 -0.43 -0.94 -5.80
CA LEU A 163 0.19 -1.35 -7.06
C LEU A 163 1.56 -1.93 -6.75
N GLY A 164 1.84 -3.11 -7.28
CA GLY A 164 3.01 -3.85 -6.87
C GLY A 164 4.12 -3.78 -7.89
N ASP A 165 5.28 -4.23 -7.48
CA ASP A 165 6.44 -4.32 -8.36
C ASP A 165 6.79 -5.81 -8.54
N VAL A 166 6.79 -6.27 -9.79
CA VAL A 166 6.88 -7.71 -10.04
C VAL A 166 8.20 -8.28 -9.53
N ARG A 167 9.31 -7.53 -9.71
CA ARG A 167 10.60 -8.03 -9.25
C ARG A 167 10.61 -8.21 -7.74
N GLU A 168 10.09 -7.23 -7.02
CA GLU A 168 10.10 -7.33 -5.57
C GLU A 168 9.15 -8.40 -5.08
N THR A 169 8.01 -8.56 -5.76
CA THR A 169 7.08 -9.64 -5.43
C THR A 169 7.76 -10.99 -5.53
N MET A 170 8.55 -11.20 -6.60
CA MET A 170 9.28 -12.45 -6.72
C MET A 170 10.32 -12.57 -5.63
N SER A 171 10.99 -11.48 -5.29
CA SER A 171 12.07 -11.62 -4.32
C SER A 171 11.51 -11.96 -2.94
N TYR A 172 10.33 -11.44 -2.60
CA TYR A 172 9.64 -11.88 -1.38
C TYR A 172 9.41 -13.40 -1.41
N LEU A 173 9.00 -13.93 -2.56
CA LEU A 173 8.64 -15.35 -2.64
C LEU A 173 9.88 -16.25 -2.68
N PHE A 174 10.93 -15.86 -3.42
CA PHE A 174 12.09 -16.73 -3.52
C PHE A 174 12.75 -16.98 -2.17
N GLN A 175 12.50 -16.13 -1.18
CA GLN A 175 13.12 -16.29 0.13
C GLN A 175 12.64 -17.55 0.82
N HIS A 176 11.49 -18.06 0.41
CA HIS A 176 10.91 -19.30 0.90
C HIS A 176 10.87 -20.36 -0.19
N ALA A 177 11.64 -20.17 -1.27
CA ALA A 177 11.84 -21.23 -2.24
C ALA A 177 13.13 -21.97 -1.92
N ASN A 178 13.21 -23.21 -2.38
CA ASN A 178 14.40 -24.03 -2.21
C ASN A 178 15.33 -23.72 -3.36
N LEU A 179 16.15 -22.68 -3.19
CA LEU A 179 17.22 -22.40 -4.14
C LEU A 179 18.57 -22.74 -3.54
N ASP A 180 18.57 -23.63 -2.55
CA ASP A 180 19.75 -23.92 -1.74
C ASP A 180 20.88 -24.59 -2.53
N SER A 181 20.63 -25.08 -3.75
CA SER A 181 21.70 -25.56 -4.62
C SER A 181 21.93 -24.65 -5.82
N CYS A 182 21.51 -23.38 -5.74
CA CYS A 182 21.76 -22.43 -6.81
C CYS A 182 23.05 -21.68 -6.52
N LYS A 183 23.93 -21.60 -7.52
CA LYS A 183 25.25 -21.06 -7.30
C LYS A 183 25.57 -20.16 -8.46
N ARG A 184 26.12 -18.98 -8.16
CA ARG A 184 26.58 -18.02 -9.15
C ARG A 184 27.98 -17.57 -8.78
N VAL A 185 28.90 -17.68 -9.72
CA VAL A 185 30.28 -17.23 -9.52
C VAL A 185 30.50 -16.21 -10.60
N LEU A 186 30.91 -15.02 -10.20
CA LEU A 186 31.21 -14.00 -11.18
C LEU A 186 32.54 -13.34 -10.87
N ASN A 187 33.09 -12.72 -11.90
CA ASN A 187 34.44 -12.17 -11.89
C ASN A 187 34.33 -10.71 -12.23
N VAL A 188 34.95 -9.86 -11.42
CA VAL A 188 34.95 -8.43 -11.70
C VAL A 188 36.39 -7.98 -11.88
N VAL A 189 36.65 -7.20 -12.93
CA VAL A 189 37.97 -6.96 -13.46
C VAL A 189 38.15 -5.46 -13.61
N CYS A 190 39.17 -4.91 -12.96
CA CYS A 190 39.50 -3.48 -12.98
C CYS A 190 40.82 -3.25 -13.70
N LYS A 191 40.87 -2.19 -14.52
CA LYS A 191 42.12 -1.84 -15.18
C LYS A 191 43.22 -1.59 -14.15
N THR A 192 42.84 -0.98 -13.01
CA THR A 192 43.77 -0.68 -11.93
C THR A 192 43.88 -1.83 -10.92
N CYS A 193 42.81 -2.07 -10.14
CA CYS A 193 42.91 -2.96 -8.97
C CYS A 193 43.21 -4.40 -9.35
N GLY A 194 42.70 -4.88 -10.49
CA GLY A 194 42.85 -6.26 -10.89
C GLY A 194 41.51 -6.99 -10.94
N GLN A 195 41.57 -8.30 -10.71
CA GLN A 195 40.40 -9.17 -10.80
C GLN A 195 40.08 -9.78 -9.44
N GLN A 196 38.78 -9.82 -9.11
CA GLN A 196 38.31 -10.45 -7.89
C GLN A 196 37.14 -11.36 -8.19
N GLN A 197 37.27 -12.63 -7.82
CA GLN A 197 36.15 -13.56 -7.94
C GLN A 197 35.22 -13.41 -6.75
N THR A 198 33.93 -13.50 -7.02
CA THR A 198 32.89 -13.33 -6.02
C THR A 198 31.85 -14.40 -6.27
N THR A 199 31.54 -15.17 -5.24
CA THR A 199 30.73 -16.38 -5.37
C THR A 199 29.52 -16.29 -4.45
N LEU A 200 28.33 -16.20 -5.03
CA LEU A 200 27.11 -16.06 -4.23
C LEU A 200 26.11 -17.17 -4.56
N LYS A 201 25.04 -17.26 -3.77
CA LYS A 201 24.25 -18.48 -3.77
C LYS A 201 22.82 -18.14 -3.34
N GLY A 202 21.95 -19.15 -3.42
CA GLY A 202 20.53 -18.98 -3.15
C GLY A 202 19.93 -17.89 -4.01
N VAL A 203 18.91 -17.23 -3.46
CA VAL A 203 18.22 -16.08 -4.05
C VAL A 203 19.16 -15.08 -4.74
N GLU A 204 20.40 -14.96 -4.26
CA GLU A 204 21.30 -14.01 -4.91
C GLU A 204 21.93 -14.59 -6.17
N ALA A 205 21.88 -15.91 -6.33
CA ALA A 205 22.50 -16.57 -7.48
C ALA A 205 21.65 -16.48 -8.74
N VAL A 206 20.34 -16.24 -8.61
CA VAL A 206 19.43 -16.35 -9.73
C VAL A 206 18.75 -15.05 -10.07
N MET A 207 19.14 -13.93 -9.41
CA MET A 207 18.51 -12.60 -9.56
C MET A 207 19.58 -11.55 -9.81
N TYR A 208 19.40 -10.74 -10.84
CA TYR A 208 20.32 -9.66 -11.12
C TYR A 208 19.54 -8.43 -11.54
N MET A 209 20.05 -7.28 -11.12
CA MET A 209 19.44 -6.00 -11.46
C MET A 209 20.51 -5.11 -12.07
N GLY A 210 20.34 -4.75 -13.35
CA GLY A 210 21.24 -3.87 -14.05
C GLY A 210 21.17 -4.02 -15.56
N THR A 211 21.08 -5.28 -16.04
CA THR A 211 20.98 -5.61 -17.46
C THR A 211 19.89 -6.64 -17.71
N LEU A 212 19.25 -6.55 -18.88
CA LEU A 212 18.24 -7.53 -19.26
C LEU A 212 18.81 -8.69 -20.05
N SER A 213 19.90 -8.47 -20.78
CA SER A 213 20.47 -9.50 -21.64
C SER A 213 21.24 -10.50 -20.79
N TYR A 214 20.80 -11.74 -20.79
CA TYR A 214 21.65 -12.74 -20.15
C TYR A 214 22.92 -12.96 -20.96
N GLU A 215 22.88 -12.62 -22.26
CA GLU A 215 24.08 -12.71 -23.10
C GLU A 215 25.08 -11.66 -22.68
N GLN A 216 24.65 -10.40 -22.58
CA GLN A 216 25.49 -9.32 -22.06
C GLN A 216 26.17 -9.71 -20.75
N PHE A 217 25.47 -10.45 -19.90
CA PHE A 217 26.00 -10.77 -18.57
C PHE A 217 27.20 -11.72 -18.67
N LYS A 218 27.22 -12.62 -19.66
CA LYS A 218 28.37 -13.51 -19.85
C LYS A 218 29.50 -12.82 -20.59
N LYS A 219 29.17 -11.83 -21.42
CA LYS A 219 30.22 -11.08 -22.13
C LYS A 219 30.93 -10.12 -21.18
N GLY A 220 30.17 -9.42 -20.34
CA GLY A 220 30.72 -8.46 -19.39
C GLY A 220 29.85 -7.23 -19.33
N VAL A 221 29.63 -6.69 -18.14
CA VAL A 221 28.81 -5.48 -17.96
C VAL A 221 29.60 -4.49 -17.14
N GLN A 222 29.45 -3.20 -17.48
CA GLN A 222 30.19 -2.12 -16.84
C GLN A 222 29.58 -1.78 -15.48
N ILE A 223 30.41 -1.81 -14.45
CA ILE A 223 30.00 -1.41 -13.11
C ILE A 223 31.07 -0.46 -12.55
N PRO A 224 30.70 0.62 -11.85
CA PRO A 224 31.72 1.44 -11.19
C PRO A 224 32.52 0.65 -10.14
N CYS A 225 33.77 1.08 -9.94
CA CYS A 225 34.68 0.49 -8.96
C CYS A 225 34.88 1.46 -7.81
N THR A 226 34.84 0.94 -6.59
CA THR A 226 35.07 1.78 -5.42
C THR A 226 36.37 2.54 -5.57
N CYS A 227 37.40 1.85 -6.07
CA CYS A 227 38.70 2.50 -6.24
C CYS A 227 38.63 3.62 -7.27
N GLY A 228 37.58 3.70 -8.08
CA GLY A 228 37.33 4.92 -8.82
C GLY A 228 37.11 4.80 -10.31
N LYS A 229 37.76 3.83 -10.94
CA LYS A 229 37.61 3.67 -12.39
C LYS A 229 36.30 2.95 -12.69
N GLN A 230 36.08 2.62 -13.96
CA GLN A 230 34.93 1.83 -14.37
C GLN A 230 35.37 0.38 -14.58
N ALA A 231 34.66 -0.54 -13.95
CA ALA A 231 35.02 -1.96 -13.97
C ALA A 231 34.02 -2.78 -14.79
N THR A 232 34.37 -4.06 -14.98
CA THR A 232 33.62 -4.97 -15.84
C THR A 232 33.33 -6.27 -15.08
N LYS A 233 32.05 -6.62 -14.98
CA LYS A 233 31.59 -7.79 -14.25
C LYS A 233 30.97 -8.80 -15.22
N TYR A 234 31.39 -10.07 -15.14
CA TYR A 234 30.86 -11.09 -16.02
C TYR A 234 30.62 -12.39 -15.26
N LEU A 235 29.81 -13.26 -15.84
CA LEU A 235 29.40 -14.52 -15.23
C LEU A 235 30.38 -15.63 -15.60
N VAL A 236 30.91 -16.33 -14.60
CA VAL A 236 31.87 -17.39 -14.86
C VAL A 236 31.28 -18.78 -14.59
N GLN A 237 30.37 -18.91 -13.62
CA GLN A 237 29.63 -20.15 -13.45
C GLN A 237 28.22 -19.85 -12.96
N GLN A 238 27.29 -20.72 -13.34
CA GLN A 238 25.90 -20.58 -12.91
C GLN A 238 25.29 -21.96 -12.91
N GLU A 239 24.96 -22.48 -11.74
CA GLU A 239 24.10 -23.65 -11.60
C GLU A 239 22.80 -23.14 -11.00
N SER A 240 21.72 -23.23 -11.77
CA SER A 240 20.36 -22.89 -11.35
C SER A 240 19.45 -23.20 -12.53
N PRO A 241 18.17 -23.50 -12.31
CA PRO A 241 17.29 -23.87 -13.44
C PRO A 241 16.77 -22.69 -14.26
N PHE A 242 16.76 -21.47 -13.71
CA PHE A 242 16.42 -20.25 -14.45
C PHE A 242 17.32 -19.12 -13.94
N VAL A 243 17.18 -17.95 -14.55
CA VAL A 243 17.77 -16.71 -14.04
C VAL A 243 16.81 -15.57 -14.36
N MET A 244 16.66 -14.65 -13.40
CA MET A 244 15.92 -13.41 -13.57
C MET A 244 16.90 -12.27 -13.84
N MET A 245 16.76 -11.62 -14.98
CA MET A 245 17.53 -10.43 -15.33
C MET A 245 16.58 -9.24 -15.31
N SER A 246 16.87 -8.26 -14.45
CA SER A 246 16.02 -7.09 -14.31
C SER A 246 16.83 -5.84 -14.59
N ALA A 247 16.12 -4.78 -14.95
CA ALA A 247 16.68 -3.45 -15.17
C ALA A 247 15.50 -2.50 -15.28
N PRO A 248 15.69 -1.22 -14.96
CA PRO A 248 14.60 -0.28 -15.07
C PRO A 248 14.02 -0.27 -16.46
N PRO A 249 12.69 -0.06 -16.61
CA PRO A 249 12.03 -0.06 -17.93
C PRO A 249 12.81 0.68 -19.01
N ALA A 250 12.92 0.05 -20.18
CA ALA A 250 13.53 0.70 -21.34
C ALA A 250 13.07 -0.09 -22.56
N GLN A 251 13.14 0.55 -23.73
CA GLN A 251 12.78 -0.17 -24.95
C GLN A 251 13.77 -1.30 -25.18
N TYR A 252 13.25 -2.50 -25.48
CA TYR A 252 14.07 -3.69 -25.63
C TYR A 252 13.40 -4.62 -26.63
N GLU A 253 14.20 -5.31 -27.43
CA GLU A 253 13.63 -6.21 -28.42
C GLU A 253 13.67 -7.64 -27.91
N LEU A 254 12.58 -8.37 -28.13
CA LEU A 254 12.43 -9.75 -27.68
C LEU A 254 12.24 -10.65 -28.89
N LYS A 255 13.14 -11.62 -29.06
CA LYS A 255 13.18 -12.50 -30.23
C LYS A 255 12.69 -13.89 -29.84
N HIS A 256 11.61 -14.34 -30.52
CA HIS A 256 11.04 -15.69 -30.44
C HIS A 256 12.12 -16.71 -30.17
N GLY A 257 12.05 -17.36 -29.01
CA GLY A 257 12.93 -18.45 -28.67
C GLY A 257 14.24 -18.10 -27.99
N THR A 258 14.52 -16.84 -27.70
CA THR A 258 15.77 -16.51 -27.02
C THR A 258 15.60 -16.29 -25.52
N PHE A 259 14.41 -16.57 -24.97
CA PHE A 259 14.03 -16.25 -23.60
C PHE A 259 12.74 -17.02 -23.28
N THR A 260 12.42 -17.12 -21.98
CA THR A 260 11.18 -17.74 -21.53
C THR A 260 10.00 -16.78 -21.52
N CYS A 261 10.09 -15.68 -20.76
CA CYS A 261 8.99 -14.74 -20.60
C CYS A 261 9.55 -13.46 -19.98
N ALA A 262 8.73 -12.41 -19.97
CA ALA A 262 9.22 -11.07 -19.60
C ALA A 262 8.09 -10.20 -19.06
N SER A 263 8.44 -9.22 -18.22
CA SER A 263 7.48 -8.23 -17.71
C SER A 263 7.58 -6.97 -18.55
N GLU A 264 6.50 -6.63 -19.23
CA GLU A 264 6.38 -5.36 -19.91
C GLU A 264 5.71 -4.40 -18.97
N TYR A 265 6.36 -3.26 -18.72
CA TYR A 265 5.86 -2.24 -17.81
C TYR A 265 5.81 -0.93 -18.57
N THR A 266 4.66 -0.27 -18.53
CA THR A 266 4.42 0.99 -19.22
C THR A 266 3.89 2.00 -18.19
N GLY A 267 4.45 3.22 -18.20
CA GLY A 267 4.08 4.24 -17.24
C GLY A 267 5.22 4.74 -16.37
N ASN A 268 4.89 5.44 -15.29
CA ASN A 268 5.91 5.99 -14.41
C ASN A 268 6.12 5.08 -13.21
N TYR A 269 7.30 5.20 -12.59
CA TYR A 269 7.61 4.59 -11.31
C TYR A 269 6.36 4.57 -10.46
N GLN A 270 5.91 3.39 -10.07
CA GLN A 270 4.88 3.21 -9.05
C GLN A 270 3.44 3.52 -9.49
N CYS A 271 3.18 3.92 -10.75
CA CYS A 271 1.80 4.01 -11.21
C CYS A 271 1.57 3.43 -12.60
N GLY A 272 2.54 2.76 -13.20
CA GLY A 272 2.34 2.11 -14.49
C GLY A 272 1.58 0.78 -14.43
N HIS A 273 1.36 0.22 -15.62
CA HIS A 273 0.68 -1.05 -15.86
C HIS A 273 1.71 -2.07 -16.28
N TYR A 274 1.40 -3.35 -16.02
CA TYR A 274 2.19 -4.48 -16.50
C TYR A 274 1.39 -5.27 -17.52
N LYS A 275 2.11 -5.91 -18.42
CA LYS A 275 1.58 -7.00 -19.25
C LYS A 275 2.64 -8.11 -19.32
N HIS A 276 2.24 -9.31 -19.69
CA HIS A 276 3.14 -10.46 -19.71
C HIS A 276 3.45 -10.88 -21.14
N ILE A 277 4.72 -10.97 -21.48
CA ILE A 277 5.15 -11.47 -22.79
C ILE A 277 5.78 -12.84 -22.60
N THR A 278 5.35 -13.80 -23.40
CA THR A 278 5.84 -15.16 -23.30
C THR A 278 6.16 -15.69 -24.70
N SER A 279 7.27 -16.42 -24.79
CA SER A 279 7.74 -16.95 -26.06
C SER A 279 7.30 -18.39 -26.21
N LYS A 280 6.36 -18.64 -27.12
CA LYS A 280 5.89 -19.98 -27.43
C LYS A 280 6.28 -20.32 -28.88
N GLU A 281 5.37 -20.83 -29.70
CA GLU A 281 5.64 -20.92 -31.13
C GLU A 281 5.82 -19.53 -31.75
N THR A 282 5.17 -18.53 -31.17
CA THR A 282 5.30 -17.12 -31.52
C THR A 282 5.31 -16.35 -30.22
N LEU A 283 5.45 -15.02 -30.30
CA LEU A 283 5.38 -14.20 -29.10
C LEU A 283 3.92 -13.97 -28.73
N TYR A 284 3.62 -14.11 -27.43
CA TYR A 284 2.28 -13.86 -26.91
C TYR A 284 2.32 -12.80 -25.82
N CYS A 285 1.22 -12.07 -25.71
CA CYS A 285 1.10 -10.99 -24.77
C CYS A 285 -0.17 -11.24 -23.99
N ILE A 286 -0.02 -11.54 -22.71
CA ILE A 286 -1.16 -11.76 -21.83
C ILE A 286 -1.34 -10.47 -21.01
N ASP A 287 -2.54 -9.89 -21.08
CA ASP A 287 -2.93 -8.76 -20.25
C ASP A 287 -4.20 -9.22 -19.54
N GLY A 288 -4.05 -9.83 -18.36
CA GLY A 288 -5.17 -10.37 -17.62
C GLY A 288 -5.91 -11.42 -18.42
N ALA A 289 -7.15 -11.10 -18.82
CA ALA A 289 -7.93 -11.97 -19.68
C ALA A 289 -7.64 -11.78 -21.17
N LEU A 290 -6.83 -10.78 -21.56
CA LEU A 290 -6.57 -10.47 -22.96
C LEU A 290 -5.22 -11.00 -23.44
N LEU A 291 -5.21 -11.48 -24.69
CA LEU A 291 -4.05 -12.09 -25.34
C LEU A 291 -3.85 -11.48 -26.72
N THR A 292 -2.59 -11.31 -27.16
CA THR A 292 -2.30 -10.94 -28.54
C THR A 292 -1.04 -11.64 -29.03
N LYS A 293 -0.88 -11.77 -30.35
CA LYS A 293 0.24 -12.50 -30.95
C LYS A 293 1.05 -11.57 -31.84
N SER A 294 2.35 -11.81 -31.94
CA SER A 294 3.14 -11.13 -32.96
C SER A 294 4.41 -11.91 -33.27
N SER A 295 4.93 -11.68 -34.47
CA SER A 295 6.19 -12.28 -34.89
C SER A 295 7.34 -11.78 -34.03
N GLU A 296 7.50 -10.46 -33.95
CA GLU A 296 8.53 -9.80 -33.15
C GLU A 296 7.88 -8.92 -32.09
N TYR A 297 8.71 -8.44 -31.15
CA TYR A 297 8.24 -7.55 -30.10
C TYR A 297 9.33 -6.54 -29.83
N LYS A 298 8.95 -5.26 -29.78
CA LYS A 298 9.85 -4.18 -29.35
C LYS A 298 9.04 -3.30 -28.42
N GLY A 299 9.59 -2.98 -27.24
CA GLY A 299 8.78 -2.41 -26.20
C GLY A 299 9.47 -2.22 -24.85
N PRO A 300 8.71 -1.69 -23.84
CA PRO A 300 9.31 -1.36 -22.54
C PRO A 300 9.34 -2.53 -21.57
N ILE A 301 10.50 -3.14 -21.41
CA ILE A 301 10.69 -4.39 -20.65
C ILE A 301 11.49 -4.08 -19.39
N THR A 302 11.10 -4.68 -18.27
CA THR A 302 11.87 -4.51 -17.04
C THR A 302 12.39 -5.80 -16.38
N ASP A 303 11.73 -6.97 -16.58
CA ASP A 303 12.36 -8.25 -16.27
C ASP A 303 12.26 -9.24 -17.42
N VAL A 304 13.32 -10.05 -17.60
CA VAL A 304 13.36 -11.13 -18.56
C VAL A 304 13.89 -12.37 -17.84
N PHE A 305 13.14 -13.48 -17.94
CA PHE A 305 13.52 -14.75 -17.35
C PHE A 305 14.08 -15.67 -18.42
N TYR A 306 15.11 -16.44 -18.06
CA TYR A 306 15.75 -17.37 -18.98
C TYR A 306 15.82 -18.76 -18.36
N LYS A 307 16.08 -19.77 -19.18
CA LYS A 307 16.35 -21.11 -18.66
C LYS A 307 17.85 -21.35 -18.57
N GLU A 308 18.26 -22.08 -17.53
CA GLU A 308 19.64 -22.52 -17.39
C GLU A 308 19.62 -23.94 -16.82
N ASN A 309 20.74 -24.65 -16.95
CA ASN A 309 21.02 -25.82 -16.11
C ASN A 309 22.38 -25.67 -15.45
N SER A 310 23.46 -25.49 -16.24
CA SER A 310 24.81 -25.34 -15.71
C SER A 310 25.66 -24.65 -16.76
N TYR A 311 26.09 -23.42 -16.50
CA TYR A 311 26.90 -22.66 -17.42
C TYR A 311 28.31 -22.48 -16.87
N THR A 312 29.27 -22.40 -17.78
CA THR A 312 30.65 -22.07 -17.48
C THR A 312 31.24 -21.23 -18.59
N THR A 313 31.76 -20.04 -18.24
CA THR A 313 32.39 -19.17 -19.21
C THR A 313 33.57 -19.86 -19.88
N THR A 314 33.94 -19.36 -21.06
CA THR A 314 35.19 -19.76 -21.69
C THR A 314 36.28 -18.72 -21.54
N ILE A 315 35.93 -17.51 -21.05
CA ILE A 315 36.90 -16.43 -20.86
C ILE A 315 38.03 -16.91 -19.94
N LYS A 316 39.25 -16.85 -20.44
CA LYS A 316 40.42 -17.22 -19.64
C LYS A 316 41.06 -15.97 -19.00
N VAL B 8 25.91 24.91 -4.68
CA VAL B 8 26.74 25.72 -3.79
C VAL B 8 25.90 26.20 -2.59
N PHE B 9 24.62 25.78 -2.54
CA PHE B 9 23.73 25.99 -1.39
C PHE B 9 22.89 24.73 -1.13
N THR B 10 22.88 24.25 0.11
CA THR B 10 22.07 23.11 0.52
C THR B 10 20.98 23.53 1.49
N THR B 11 19.92 22.72 1.55
CA THR B 11 18.80 23.05 2.43
C THR B 11 18.01 21.80 2.79
N VAL B 12 17.25 21.91 3.89
CA VAL B 12 16.16 20.99 4.17
C VAL B 12 14.81 21.68 4.20
N ASP B 13 14.77 23.01 4.18
CA ASP B 13 13.53 23.78 4.27
C ASP B 13 13.37 24.89 3.23
N ASN B 14 14.40 25.18 2.41
CA ASN B 14 14.38 26.29 1.46
C ASN B 14 14.22 27.63 2.16
N ILE B 15 14.72 27.72 3.39
CA ILE B 15 14.52 28.90 4.22
C ILE B 15 15.85 29.21 4.90
N ASN B 16 16.51 28.16 5.38
CA ASN B 16 17.83 28.24 6.01
C ASN B 16 18.81 27.52 5.10
N LEU B 17 19.44 28.27 4.19
CA LEU B 17 20.41 27.70 3.28
C LEU B 17 21.78 27.68 3.94
N HIS B 18 22.36 26.48 4.01
CA HIS B 18 23.74 26.33 4.53
C HIS B 18 24.59 26.14 3.27
N THR B 19 25.48 27.09 3.00
CA THR B 19 26.20 27.06 1.73
C THR B 19 27.34 26.04 1.77
N GLN B 20 27.69 25.53 0.59
CA GLN B 20 28.66 24.46 0.47
C GLN B 20 29.53 24.66 -0.77
N VAL B 21 30.64 23.92 -0.84
CA VAL B 21 31.55 23.95 -1.97
C VAL B 21 31.44 22.62 -2.73
N VAL B 22 31.52 22.69 -4.05
CA VAL B 22 31.24 21.55 -4.90
C VAL B 22 32.48 21.24 -5.73
N ASP B 23 32.92 19.99 -5.68
CA ASP B 23 34.15 19.58 -6.35
C ASP B 23 34.09 19.67 -7.87
N MET B 24 32.88 19.75 -8.43
CA MET B 24 32.68 19.77 -9.89
C MET B 24 33.11 18.45 -10.52
N SER B 25 33.60 17.50 -9.73
CA SER B 25 34.07 16.23 -10.24
C SER B 25 33.60 15.01 -9.48
N MET B 26 32.94 15.16 -8.33
CA MET B 26 32.25 14.06 -7.66
C MET B 26 30.75 14.28 -7.72
N THR B 27 29.99 13.20 -7.89
CA THR B 27 28.54 13.28 -7.90
C THR B 27 28.02 13.85 -6.59
N TYR B 28 26.87 14.53 -6.66
CA TYR B 28 26.26 15.10 -5.46
C TYR B 28 26.09 14.05 -4.37
N GLY B 29 25.65 12.85 -4.73
CA GLY B 29 25.50 11.76 -3.77
C GLY B 29 26.75 11.45 -2.99
N GLN B 30 27.92 11.72 -3.56
CA GLN B 30 29.16 11.46 -2.83
C GLN B 30 29.35 12.48 -1.72
N GLN B 31 29.04 13.74 -2.01
CA GLN B 31 29.35 14.85 -1.11
C GLN B 31 28.19 15.18 -0.17
N PHE B 32 26.97 15.35 -0.70
CA PHE B 32 25.83 15.79 0.11
C PHE B 32 24.99 14.65 0.68
N GLY B 33 25.04 13.47 0.09
CA GLY B 33 24.04 12.45 0.34
C GLY B 33 22.97 12.48 -0.73
N PRO B 34 21.87 11.76 -0.52
CA PRO B 34 20.74 11.87 -1.45
C PRO B 34 20.27 13.31 -1.60
N THR B 35 20.41 13.88 -2.81
CA THR B 35 20.23 15.30 -3.06
C THR B 35 19.19 15.53 -4.14
N TYR B 36 18.39 16.58 -4.00
CA TYR B 36 17.32 16.85 -4.94
C TYR B 36 17.45 18.25 -5.53
N LEU B 37 17.14 18.35 -6.83
CA LEU B 37 16.88 19.62 -7.52
C LEU B 37 15.51 19.58 -8.16
N ASP B 38 14.58 20.33 -7.55
CA ASP B 38 13.21 20.53 -8.00
C ASP B 38 12.39 19.25 -7.98
N GLY B 39 12.86 18.20 -7.30
CA GLY B 39 12.26 16.89 -7.37
C GLY B 39 13.09 15.90 -8.14
N ALA B 40 14.09 16.38 -8.89
CA ALA B 40 15.00 15.54 -9.66
C ALA B 40 16.06 14.98 -8.72
N ASP B 41 16.20 13.65 -8.69
CA ASP B 41 17.24 13.01 -7.84
C ASP B 41 18.62 13.22 -8.47
N VAL B 42 19.32 14.28 -8.07
CA VAL B 42 20.63 14.59 -8.61
C VAL B 42 21.74 13.85 -7.85
N THR B 43 21.39 12.80 -7.12
CA THR B 43 22.36 12.01 -6.37
C THR B 43 23.42 11.41 -7.27
N LYS B 44 23.01 10.75 -8.36
CA LYS B 44 23.95 10.02 -9.21
C LYS B 44 24.53 10.88 -10.34
N ILE B 45 24.08 12.13 -10.51
CA ILE B 45 24.64 13.01 -11.52
C ILE B 45 25.76 13.86 -10.91
N LYS B 46 26.62 14.42 -11.79
CA LYS B 46 27.81 15.17 -11.52
C LYS B 46 27.53 16.67 -11.59
N PRO B 47 28.29 17.48 -10.86
CA PRO B 47 28.06 18.94 -10.87
C PRO B 47 28.33 19.60 -12.21
N HIS B 48 27.27 19.99 -12.91
CA HIS B 48 27.38 20.71 -14.15
C HIS B 48 27.69 22.18 -13.88
N ASN B 49 27.97 22.94 -14.93
CA ASN B 49 28.21 24.37 -14.78
C ASN B 49 26.91 25.16 -14.62
N SER B 50 25.76 24.58 -14.97
CA SER B 50 24.47 25.20 -14.69
C SER B 50 24.21 25.32 -13.19
N HIS B 51 24.78 24.42 -12.39
CA HIS B 51 24.61 24.39 -10.94
C HIS B 51 25.68 25.26 -10.29
N GLU B 52 25.35 26.53 -10.08
CA GLU B 52 26.27 27.46 -9.44
C GLU B 52 25.44 28.53 -8.74
N GLY B 53 25.63 28.68 -7.42
CA GLY B 53 24.75 29.52 -6.64
C GLY B 53 23.33 28.99 -6.54
N LYS B 54 23.09 27.74 -6.94
CA LYS B 54 21.78 27.11 -6.91
C LYS B 54 21.54 26.47 -5.55
N THR B 55 20.29 26.05 -5.31
CA THR B 55 19.89 25.48 -4.03
C THR B 55 19.32 24.08 -4.22
N PHE B 56 19.89 23.11 -3.50
CA PHE B 56 19.46 21.73 -3.48
C PHE B 56 18.88 21.35 -2.12
N TYR B 57 17.78 20.57 -2.12
CA TYR B 57 17.33 19.89 -0.92
C TYR B 57 18.17 18.65 -0.65
N VAL B 58 18.65 18.50 0.58
CA VAL B 58 19.38 17.30 0.95
C VAL B 58 18.66 16.63 2.11
N LEU B 59 19.14 15.48 2.53
CA LEU B 59 18.64 14.86 3.74
C LEU B 59 19.23 15.52 4.98
N PRO B 60 18.54 15.47 6.11
CA PRO B 60 19.13 15.95 7.37
C PRO B 60 20.14 14.98 7.97
N ASN B 61 21.43 15.29 7.77
CA ASN B 61 22.56 14.50 8.27
C ASN B 61 23.14 15.01 9.59
N ASP B 62 23.12 16.32 9.84
CA ASP B 62 23.62 16.90 11.08
C ASP B 62 22.59 16.78 12.17
N ASP B 63 22.95 17.30 13.35
CA ASP B 63 21.92 17.68 14.29
C ASP B 63 21.28 19.02 13.95
N THR B 64 22.04 19.96 13.37
CA THR B 64 21.44 21.23 12.99
C THR B 64 20.38 21.02 11.92
N LEU B 65 20.69 20.20 10.92
CA LEU B 65 19.72 19.92 9.87
C LEU B 65 18.50 19.22 10.42
N ARG B 66 18.71 18.29 11.35
CA ARG B 66 17.58 17.62 11.99
C ARG B 66 16.63 18.64 12.61
N VAL B 67 17.18 19.59 13.39
CA VAL B 67 16.37 20.61 14.05
C VAL B 67 15.57 21.41 13.01
N GLU B 68 16.26 21.90 11.98
CA GLU B 68 15.56 22.69 10.92
C GLU B 68 14.44 21.81 10.33
N ALA B 69 14.78 20.60 9.93
CA ALA B 69 13.78 19.68 9.36
C ALA B 69 12.56 19.58 10.25
N PHE B 70 12.76 19.36 11.55
CA PHE B 70 11.61 19.23 12.44
C PHE B 70 10.76 20.49 12.46
N GLU B 71 11.40 21.68 12.54
CA GLU B 71 10.63 22.91 12.66
C GLU B 71 9.78 23.16 11.42
N TYR B 72 10.29 22.77 10.24
CA TYR B 72 9.53 22.95 9.01
C TYR B 72 8.44 21.88 8.85
N TYR B 73 8.77 20.60 9.08
CA TYR B 73 7.87 19.49 8.78
C TYR B 73 7.25 18.80 9.99
N HIS B 74 7.75 19.04 11.20
CA HIS B 74 7.38 18.28 12.40
C HIS B 74 7.72 16.80 12.27
N THR B 75 8.70 16.46 11.45
CA THR B 75 9.16 15.09 11.36
C THR B 75 10.58 14.96 11.90
N THR B 76 10.88 13.75 12.37
CA THR B 76 12.24 13.33 12.60
C THR B 76 12.68 12.21 11.66
N ASP B 77 11.74 11.49 11.06
CA ASP B 77 12.04 10.43 10.11
C ASP B 77 12.95 10.95 8.99
N PRO B 78 14.14 10.38 8.82
CA PRO B 78 15.08 10.92 7.82
C PRO B 78 14.68 10.72 6.38
N SER B 79 13.73 9.83 6.09
CA SER B 79 13.31 9.53 4.73
C SER B 79 12.20 10.44 4.23
N PHE B 80 11.59 11.24 5.13
CA PHE B 80 10.39 12.00 4.81
C PHE B 80 10.54 12.75 3.48
N LEU B 81 11.62 13.51 3.33
CA LEU B 81 11.88 14.20 2.07
C LEU B 81 11.84 13.23 0.90
N GLY B 82 12.45 12.06 1.06
CA GLY B 82 12.46 11.09 -0.03
C GLY B 82 11.07 10.65 -0.45
N ARG B 83 10.26 10.19 0.52
CA ARG B 83 8.88 9.84 0.23
C ARG B 83 8.16 11.00 -0.47
N TYR B 84 8.34 12.20 0.07
CA TYR B 84 7.71 13.42 -0.45
C TYR B 84 8.08 13.68 -1.92
N MET B 85 9.38 13.61 -2.24
CA MET B 85 9.81 13.94 -3.59
C MET B 85 9.40 12.87 -4.59
N SER B 86 9.04 11.67 -4.13
CA SER B 86 8.52 10.65 -5.02
C SER B 86 7.05 10.91 -5.34
N ALA B 87 6.25 11.20 -4.31
CA ALA B 87 4.88 11.59 -4.57
C ALA B 87 4.85 12.83 -5.45
N LEU B 88 5.70 13.82 -5.15
CA LEU B 88 5.67 15.09 -5.88
C LEU B 88 5.91 14.90 -7.37
N ASN B 89 6.71 13.92 -7.79
CA ASN B 89 6.87 13.66 -9.22
C ASN B 89 5.54 13.31 -9.88
N HIS B 90 4.66 12.63 -9.16
CA HIS B 90 3.33 12.31 -9.69
C HIS B 90 2.43 13.53 -9.60
N THR B 91 2.32 14.13 -8.40
CA THR B 91 1.31 15.16 -8.16
C THR B 91 1.61 16.44 -8.92
N LYS B 92 2.89 16.76 -9.17
CA LYS B 92 3.23 17.86 -10.07
C LYS B 92 2.56 17.72 -11.43
N LYS B 93 2.31 16.47 -11.86
CA LYS B 93 1.74 16.19 -13.17
C LYS B 93 0.23 15.99 -13.14
N TRP B 94 -0.35 15.87 -11.95
CA TRP B 94 -1.80 15.76 -11.78
C TRP B 94 -2.48 17.07 -12.19
N LYS B 95 -3.79 17.00 -12.42
CA LYS B 95 -4.59 18.16 -12.75
C LYS B 95 -5.55 18.49 -11.61
N TYR B 96 -5.67 19.80 -11.32
CA TYR B 96 -6.40 20.33 -10.16
C TYR B 96 -7.47 21.32 -10.62
N PRO B 97 -8.56 20.84 -11.22
CA PRO B 97 -9.59 21.76 -11.72
C PRO B 97 -10.37 22.41 -10.59
N GLN B 98 -11.00 23.53 -10.91
CA GLN B 98 -11.97 24.17 -10.02
C GLN B 98 -13.34 23.57 -10.23
N VAL B 99 -14.01 23.19 -9.15
CA VAL B 99 -15.28 22.49 -9.22
C VAL B 99 -16.10 23.01 -8.04
N ASN B 100 -17.25 23.64 -8.33
CA ASN B 100 -18.00 24.42 -7.33
C ASN B 100 -17.11 25.43 -6.62
N GLY B 101 -16.16 25.99 -7.36
CA GLY B 101 -15.23 26.90 -6.71
C GLY B 101 -14.36 26.29 -5.62
N LEU B 102 -14.14 24.97 -5.63
CA LEU B 102 -13.16 24.31 -4.78
C LEU B 102 -12.12 23.60 -5.65
N THR B 103 -10.88 23.52 -5.15
CA THR B 103 -9.86 22.78 -5.87
C THR B 103 -10.08 21.28 -5.72
N SER B 104 -10.06 20.57 -6.83
CA SER B 104 -10.25 19.12 -6.87
C SER B 104 -9.02 18.46 -7.50
N ILE B 105 -9.13 17.15 -7.78
CA ILE B 105 -8.12 16.44 -8.56
C ILE B 105 -8.83 15.56 -9.60
N LYS B 106 -8.39 15.69 -10.86
CA LYS B 106 -8.85 14.77 -11.89
C LYS B 106 -8.32 13.38 -11.57
N TRP B 107 -9.15 12.35 -11.80
CA TRP B 107 -8.75 10.99 -11.43
C TRP B 107 -7.38 10.64 -11.97
N ALA B 108 -6.51 10.16 -11.07
CA ALA B 108 -5.23 9.60 -11.42
C ALA B 108 -4.83 8.65 -10.30
N ASP B 109 -4.08 7.60 -10.67
CA ASP B 109 -3.28 6.84 -9.71
C ASP B 109 -3.98 6.56 -8.37
N ASN B 110 -5.30 6.33 -8.35
CA ASN B 110 -6.02 6.00 -7.11
C ASN B 110 -6.20 7.20 -6.16
N ASN B 111 -6.31 8.43 -6.66
CA ASN B 111 -6.39 9.57 -5.76
C ASN B 111 -7.81 9.93 -5.31
N SER B 112 -8.81 9.08 -5.57
CA SER B 112 -10.17 9.42 -5.13
C SER B 112 -10.17 9.89 -3.68
N TYR B 113 -9.57 9.11 -2.79
CA TYR B 113 -9.59 9.45 -1.36
C TYR B 113 -8.82 10.75 -1.10
N LEU B 114 -7.86 11.09 -1.97
CA LEU B 114 -7.11 12.33 -1.75
C LEU B 114 -7.92 13.55 -2.18
N ALA B 115 -8.68 13.45 -3.29
CA ALA B 115 -9.54 14.55 -3.73
C ALA B 115 -10.69 14.82 -2.75
N THR B 116 -11.29 13.78 -2.16
CA THR B 116 -12.33 14.00 -1.15
C THR B 116 -11.76 14.68 0.10
N ALA B 117 -10.47 14.44 0.38
CA ALA B 117 -9.85 15.04 1.54
C ALA B 117 -9.40 16.46 1.26
N LEU B 118 -8.99 16.77 0.02
CA LEU B 118 -8.74 18.15 -0.36
C LEU B 118 -10.03 18.97 -0.25
N LEU B 119 -11.08 18.49 -0.91
CA LEU B 119 -12.35 19.20 -0.95
C LEU B 119 -12.87 19.48 0.46
N THR B 120 -12.69 18.51 1.37
CA THR B 120 -13.14 18.63 2.75
C THR B 120 -12.30 19.67 3.51
N LEU B 121 -11.00 19.73 3.21
CA LEU B 121 -10.11 20.56 4.01
C LEU B 121 -10.27 22.04 3.68
N GLN B 122 -10.96 22.35 2.57
CA GLN B 122 -11.27 23.71 2.18
C GLN B 122 -12.61 24.16 2.72
N GLN B 123 -13.39 23.25 3.33
CA GLN B 123 -14.70 23.57 3.88
C GLN B 123 -14.79 23.46 5.40
N ILE B 124 -13.71 23.13 6.08
CA ILE B 124 -13.72 23.08 7.54
C ILE B 124 -12.61 24.00 7.99
N GLU B 125 -12.79 24.62 9.15
CA GLU B 125 -11.84 25.63 9.63
C GLU B 125 -10.72 24.91 10.35
N LEU B 126 -9.48 25.23 10.00
CA LEU B 126 -8.39 24.40 10.49
C LEU B 126 -7.05 25.08 10.25
N LYS B 127 -6.12 24.90 11.20
CA LYS B 127 -4.78 25.48 11.12
C LYS B 127 -3.73 24.39 11.30
N PHE B 128 -2.73 24.35 10.41
CA PHE B 128 -1.68 23.34 10.43
C PHE B 128 -0.41 23.94 11.05
N ASN B 129 0.12 23.28 12.07
CA ASN B 129 1.30 23.76 12.77
C ASN B 129 2.62 23.64 12.00
N PRO B 130 2.84 22.64 11.16
CA PRO B 130 4.08 22.66 10.38
C PRO B 130 4.01 23.70 9.27
N PRO B 131 4.92 24.67 9.27
CA PRO B 131 4.99 25.64 8.19
C PRO B 131 4.83 25.04 6.80
N ALA B 132 5.62 24.01 6.46
CA ALA B 132 5.54 23.47 5.11
C ALA B 132 4.13 22.96 4.80
N LEU B 133 3.48 22.34 5.79
CA LEU B 133 2.10 21.89 5.62
C LEU B 133 1.15 23.06 5.38
N GLN B 134 1.28 24.13 6.19
CA GLN B 134 0.42 25.29 6.07
C GLN B 134 0.67 26.06 4.77
N ASP B 135 1.93 26.31 4.39
CA ASP B 135 2.21 26.90 3.08
C ASP B 135 1.51 26.13 1.96
N ALA B 136 1.61 24.79 1.98
CA ALA B 136 0.99 24.00 0.92
C ALA B 136 -0.52 24.11 0.97
N TYR B 137 -1.06 24.19 2.19
CA TYR B 137 -2.53 24.38 2.36
C TYR B 137 -2.97 25.62 1.59
N TYR B 138 -2.29 26.75 1.79
CA TYR B 138 -2.63 27.98 1.07
C TYR B 138 -2.56 27.79 -0.45
N ARG B 139 -1.37 27.42 -0.97
CA ARG B 139 -1.24 27.13 -2.39
C ARG B 139 -2.30 26.14 -2.88
N ALA B 140 -2.78 25.25 -2.01
CA ALA B 140 -3.74 24.25 -2.47
C ALA B 140 -5.11 24.87 -2.77
N ARG B 141 -5.69 25.67 -1.84
CA ARG B 141 -6.97 26.31 -2.20
C ARG B 141 -6.79 27.26 -3.35
N ALA B 142 -5.62 27.88 -3.46
CA ALA B 142 -5.36 28.76 -4.59
C ALA B 142 -5.41 28.02 -5.92
N GLY B 143 -5.26 26.69 -5.91
CA GLY B 143 -5.30 25.87 -7.13
C GLY B 143 -4.00 25.13 -7.46
N GLU B 144 -2.90 25.31 -6.77
CA GLU B 144 -1.67 24.53 -7.00
C GLU B 144 -1.45 23.54 -5.86
N ALA B 145 -2.30 22.50 -5.83
CA ALA B 145 -2.31 21.53 -4.74
C ALA B 145 -1.24 20.42 -4.85
N ALA B 146 -0.24 20.53 -5.72
CA ALA B 146 0.72 19.44 -5.88
C ALA B 146 1.50 19.18 -4.61
N ASN B 147 2.12 20.22 -4.05
CA ASN B 147 2.89 20.03 -2.82
C ASN B 147 2.00 19.56 -1.68
N PHE B 148 0.81 20.15 -1.56
CA PHE B 148 -0.07 19.75 -0.47
C PHE B 148 -0.36 18.26 -0.53
N CYS B 149 -0.64 17.74 -1.73
CA CYS B 149 -0.93 16.31 -1.90
C CYS B 149 0.32 15.48 -1.62
N ALA B 150 1.45 15.84 -2.22
CA ALA B 150 2.68 15.08 -1.97
C ALA B 150 3.02 15.05 -0.48
N LEU B 151 2.73 16.14 0.27
CA LEU B 151 2.96 16.13 1.72
C LEU B 151 1.99 15.19 2.43
N ILE B 152 0.71 15.25 2.08
CA ILE B 152 -0.28 14.34 2.67
C ILE B 152 0.18 12.90 2.51
N LEU B 153 0.69 12.54 1.33
CA LEU B 153 1.17 11.19 1.11
C LEU B 153 2.37 10.88 2.00
N ALA B 154 3.31 11.80 2.12
CA ALA B 154 4.46 11.54 2.99
C ALA B 154 4.03 11.47 4.46
N TYR B 155 2.98 12.21 4.84
CA TYR B 155 2.58 12.18 6.24
C TYR B 155 1.91 10.86 6.58
N CYS B 156 1.30 10.21 5.60
CA CYS B 156 0.59 8.97 5.82
C CYS B 156 1.46 7.74 5.57
N ASN B 157 2.70 7.97 5.13
CA ASN B 157 3.60 6.92 4.63
CA ASN B 157 3.57 6.88 4.68
C ASN B 157 2.87 6.00 3.66
N LYS B 158 1.99 6.62 2.87
CA LYS B 158 1.33 6.04 1.71
C LYS B 158 2.10 6.48 0.48
N THR B 159 1.94 5.70 -0.59
CA THR B 159 2.53 6.09 -1.85
C THR B 159 1.41 6.26 -2.88
N VAL B 160 1.73 7.00 -3.95
CA VAL B 160 0.83 7.10 -5.09
C VAL B 160 0.33 5.72 -5.53
N GLY B 161 -0.93 5.66 -5.96
CA GLY B 161 -1.47 4.37 -6.37
C GLY B 161 -1.62 3.35 -5.26
N GLU B 162 -1.97 3.79 -4.06
CA GLU B 162 -2.24 2.89 -2.94
C GLU B 162 -3.50 3.50 -2.31
N LEU B 163 -4.66 3.06 -2.79
CA LEU B 163 -5.93 3.68 -2.39
C LEU B 163 -5.99 3.79 -0.86
N GLY B 164 -6.46 4.95 -0.38
CA GLY B 164 -6.48 5.23 1.04
C GLY B 164 -7.89 5.32 1.63
N ASP B 165 -7.95 5.43 2.95
CA ASP B 165 -9.22 5.65 3.65
C ASP B 165 -9.28 7.11 4.14
N VAL B 166 -10.41 7.77 3.90
CA VAL B 166 -10.47 9.21 4.13
C VAL B 166 -10.39 9.51 5.62
N ARG B 167 -11.19 8.82 6.43
CA ARG B 167 -11.17 9.12 7.86
C ARG B 167 -9.76 8.98 8.43
N GLU B 168 -9.01 7.99 7.95
CA GLU B 168 -7.67 7.83 8.50
C GLU B 168 -6.77 8.96 8.04
N THR B 169 -6.79 9.27 6.73
CA THR B 169 -5.99 10.37 6.19
C THR B 169 -6.21 11.65 6.99
N MET B 170 -7.47 11.90 7.39
CA MET B 170 -7.76 13.05 8.24
C MET B 170 -6.96 12.99 9.53
N SER B 171 -6.98 11.83 10.20
CA SER B 171 -6.30 11.69 11.48
C SER B 171 -4.82 11.99 11.39
N TYR B 172 -4.13 11.40 10.41
CA TYR B 172 -2.73 11.74 10.18
C TYR B 172 -2.55 13.27 10.14
N LEU B 173 -3.39 13.96 9.38
CA LEU B 173 -3.27 15.41 9.23
C LEU B 173 -3.69 16.15 10.51
N PHE B 174 -4.88 15.83 11.05
CA PHE B 174 -5.34 16.40 12.32
C PHE B 174 -4.28 16.33 13.41
N GLN B 175 -3.32 15.43 13.29
CA GLN B 175 -2.39 15.28 14.39
C GLN B 175 -1.44 16.46 14.45
N HIS B 176 -1.15 17.09 13.30
CA HIS B 176 -0.26 18.24 13.25
C HIS B 176 -1.03 19.55 13.06
N ALA B 177 -2.32 19.53 13.37
CA ALA B 177 -3.15 20.72 13.38
C ALA B 177 -3.36 21.19 14.81
N ASN B 178 -3.63 22.49 14.95
CA ASN B 178 -3.91 23.12 16.24
C ASN B 178 -5.40 22.86 16.57
N LEU B 179 -5.64 21.71 17.17
CA LEU B 179 -6.91 21.45 17.81
C LEU B 179 -6.72 21.31 19.31
N ASP B 180 -5.67 21.95 19.83
CA ASP B 180 -5.39 21.92 21.26
C ASP B 180 -6.39 22.73 22.07
N SER B 181 -7.27 23.47 21.43
CA SER B 181 -8.37 24.13 22.12
C SER B 181 -9.60 23.24 22.26
N CYS B 182 -9.75 22.19 21.46
CA CYS B 182 -11.04 21.51 21.39
C CYS B 182 -11.26 20.63 22.62
N LYS B 183 -12.53 20.59 23.10
CA LYS B 183 -12.96 19.65 24.12
C LYS B 183 -14.26 18.98 23.73
N ARG B 184 -14.51 17.84 24.36
CA ARG B 184 -15.74 17.10 24.18
C ARG B 184 -16.00 16.32 25.45
N VAL B 185 -17.21 16.44 25.97
CA VAL B 185 -17.61 15.78 27.20
C VAL B 185 -18.75 14.85 26.84
N LEU B 186 -18.58 13.57 27.15
CA LEU B 186 -19.62 12.58 26.91
C LEU B 186 -20.15 12.08 28.25
N ASN B 187 -21.40 11.65 28.23
CA ASN B 187 -21.99 10.93 29.34
C ASN B 187 -22.41 9.57 28.82
N VAL B 188 -22.09 8.52 29.58
CA VAL B 188 -22.58 7.17 29.31
C VAL B 188 -23.50 6.78 30.46
N VAL B 189 -24.63 6.16 30.12
CA VAL B 189 -25.67 5.80 31.09
C VAL B 189 -26.13 4.38 30.77
N CYS B 190 -25.88 3.45 31.68
CA CYS B 190 -26.48 2.14 31.57
C CYS B 190 -27.28 1.85 32.83
N LYS B 191 -28.29 0.99 32.67
CA LYS B 191 -29.30 0.81 33.70
C LYS B 191 -28.72 0.20 34.97
N THR B 192 -27.63 -0.54 34.83
CA THR B 192 -27.02 -1.24 35.98
C THR B 192 -25.87 -0.42 36.52
N CYS B 193 -24.67 -0.59 35.98
CA CYS B 193 -23.46 0.11 36.49
C CYS B 193 -23.85 1.53 36.98
N GLY B 194 -24.43 2.34 36.10
CA GLY B 194 -24.87 3.69 36.51
C GLY B 194 -24.61 4.72 35.44
N GLN B 195 -23.82 5.75 35.75
CA GLN B 195 -23.61 6.82 34.79
C GLN B 195 -22.24 7.47 35.01
N GLN B 196 -21.45 7.60 33.94
CA GLN B 196 -20.10 8.13 34.09
C GLN B 196 -19.74 9.04 32.91
N GLN B 197 -18.94 10.05 33.21
CA GLN B 197 -18.67 11.16 32.32
C GLN B 197 -17.23 11.09 31.85
N THR B 198 -16.98 11.56 30.63
CA THR B 198 -15.66 11.53 30.02
C THR B 198 -15.36 12.89 29.40
N THR B 199 -14.07 13.25 29.39
CA THR B 199 -13.62 14.50 28.80
C THR B 199 -12.39 14.22 27.94
N LEU B 200 -12.54 14.35 26.63
CA LEU B 200 -11.46 14.10 25.70
C LEU B 200 -11.14 15.36 24.92
N LYS B 201 -9.87 15.69 24.84
CA LYS B 201 -9.39 16.90 24.16
C LYS B 201 -8.68 16.51 22.86
N GLY B 202 -8.40 17.52 22.03
CA GLY B 202 -7.62 17.32 20.81
C GLY B 202 -8.40 16.61 19.72
N VAL B 203 -7.68 15.80 18.92
CA VAL B 203 -8.30 15.12 17.79
C VAL B 203 -9.42 14.18 18.24
N GLU B 204 -9.30 13.60 19.44
CA GLU B 204 -10.40 12.81 19.98
C GLU B 204 -11.65 13.65 20.15
N ALA B 205 -11.49 14.96 20.38
CA ALA B 205 -12.66 15.80 20.61
C ALA B 205 -13.47 15.99 19.33
N VAL B 206 -12.86 15.90 18.15
CA VAL B 206 -13.57 16.22 16.92
C VAL B 206 -13.96 14.98 16.10
N MET B 207 -13.39 13.80 16.39
CA MET B 207 -13.62 12.62 15.55
C MET B 207 -14.40 11.57 16.33
N TYR B 208 -15.41 10.99 15.68
CA TYR B 208 -16.15 9.89 16.28
C TYR B 208 -16.46 8.84 15.21
N MET B 209 -16.59 7.58 15.65
CA MET B 209 -16.74 6.44 14.74
C MET B 209 -17.84 5.52 15.27
N GLY B 210 -18.91 5.36 14.51
CA GLY B 210 -20.08 4.70 15.05
C GLY B 210 -21.41 5.18 14.51
N THR B 211 -21.62 6.51 14.35
CA THR B 211 -22.77 7.02 13.60
C THR B 211 -22.41 8.23 12.77
N LEU B 212 -23.17 8.41 11.70
CA LEU B 212 -22.99 9.59 10.87
C LEU B 212 -23.73 10.79 11.40
N SER B 213 -24.90 10.58 12.03
CA SER B 213 -25.77 11.66 12.50
C SER B 213 -25.21 12.35 13.75
N TYR B 214 -24.85 13.63 13.62
CA TYR B 214 -24.48 14.46 14.77
C TYR B 214 -25.67 14.68 15.69
N GLU B 215 -26.89 14.73 15.13
CA GLU B 215 -28.07 14.87 15.96
C GLU B 215 -28.28 13.63 16.83
N GLN B 216 -28.15 12.44 16.26
CA GLN B 216 -28.28 11.22 17.06
C GLN B 216 -27.21 11.16 18.15
N PHE B 217 -26.02 11.69 17.87
CA PHE B 217 -24.96 11.75 18.89
C PHE B 217 -25.39 12.62 20.06
N LYS B 218 -26.08 13.72 19.79
CA LYS B 218 -26.61 14.57 20.85
C LYS B 218 -27.75 13.87 21.60
N LYS B 219 -28.65 13.19 20.89
CA LYS B 219 -29.71 12.46 21.59
C LYS B 219 -29.15 11.25 22.33
N GLY B 220 -28.27 10.48 21.68
CA GLY B 220 -27.67 9.30 22.30
C GLY B 220 -27.63 8.07 21.40
N VAL B 221 -26.48 7.41 21.32
CA VAL B 221 -26.35 6.15 20.59
C VAL B 221 -26.13 5.00 21.57
N GLN B 222 -26.43 3.80 21.08
CA GLN B 222 -26.28 2.57 21.87
C GLN B 222 -24.89 1.98 21.66
N ILE B 223 -24.18 1.75 22.76
CA ILE B 223 -22.88 1.10 22.74
C ILE B 223 -22.97 -0.04 23.75
N PRO B 224 -22.00 -0.95 23.82
CA PRO B 224 -22.13 -2.06 24.78
C PRO B 224 -21.40 -1.81 26.08
N CYS B 225 -22.08 -2.03 27.21
CA CYS B 225 -21.49 -1.89 28.53
C CYS B 225 -20.83 -3.20 28.96
N THR B 226 -20.03 -3.10 30.03
CA THR B 226 -19.43 -4.30 30.60
C THR B 226 -20.48 -5.23 31.20
N CYS B 227 -21.59 -4.69 31.71
CA CYS B 227 -22.63 -5.51 32.35
C CYS B 227 -23.32 -6.43 31.35
N GLY B 228 -22.81 -6.49 30.12
CA GLY B 228 -23.44 -7.27 29.07
C GLY B 228 -24.67 -6.64 28.46
N LYS B 229 -25.09 -5.48 28.95
CA LYS B 229 -26.26 -4.78 28.47
C LYS B 229 -25.85 -3.53 27.68
N GLN B 230 -26.85 -2.87 27.12
CA GLN B 230 -26.63 -1.75 26.21
C GLN B 230 -26.69 -0.43 26.96
N ALA B 231 -25.67 0.40 26.77
CA ALA B 231 -25.61 1.74 27.36
C ALA B 231 -25.90 2.82 26.32
N THR B 232 -26.29 3.99 26.82
CA THR B 232 -26.59 5.14 25.98
C THR B 232 -25.47 6.17 26.15
N LYS B 233 -24.83 6.55 25.04
CA LYS B 233 -23.79 7.56 25.05
C LYS B 233 -24.30 8.83 24.38
N TYR B 234 -24.11 10.00 25.03
CA TYR B 234 -24.59 11.27 24.49
C TYR B 234 -23.61 12.41 24.77
N LEU B 235 -23.73 13.45 23.94
CA LEU B 235 -22.81 14.58 23.94
C LEU B 235 -23.28 15.63 24.97
N VAL B 236 -22.42 15.93 25.95
CA VAL B 236 -22.75 16.93 26.96
C VAL B 236 -22.28 18.32 26.53
N GLN B 237 -21.03 18.41 26.07
CA GLN B 237 -20.41 19.67 25.70
C GLN B 237 -19.54 19.45 24.48
N GLN B 238 -19.74 20.25 23.44
CA GLN B 238 -18.84 20.29 22.31
C GLN B 238 -18.23 21.68 22.20
N GLU B 239 -16.97 21.71 21.74
CA GLU B 239 -16.15 22.90 21.69
C GLU B 239 -15.13 22.71 20.57
N SER B 240 -15.53 23.01 19.33
CA SER B 240 -14.65 22.85 18.17
C SER B 240 -15.23 23.62 16.98
N PRO B 241 -14.39 24.02 16.03
CA PRO B 241 -14.91 24.62 14.79
C PRO B 241 -15.61 23.65 13.87
N PHE B 242 -15.61 22.35 14.16
CA PHE B 242 -16.27 21.34 13.33
C PHE B 242 -16.26 20.02 14.09
N VAL B 243 -17.03 19.06 13.58
CA VAL B 243 -16.96 17.68 14.03
C VAL B 243 -16.99 16.76 12.82
N MET B 244 -16.18 15.71 12.86
CA MET B 244 -16.25 14.64 11.87
C MET B 244 -16.96 13.44 12.47
N MET B 245 -17.94 12.90 11.74
CA MET B 245 -18.71 11.75 12.20
C MET B 245 -18.59 10.64 11.18
N SER B 246 -18.04 9.51 11.57
CA SER B 246 -17.78 8.43 10.65
C SER B 246 -18.48 7.19 11.14
N ALA B 247 -18.91 6.37 10.18
CA ALA B 247 -19.45 5.05 10.47
C ALA B 247 -19.16 4.17 9.27
N PRO B 248 -19.14 2.85 9.44
CA PRO B 248 -18.99 1.97 8.29
C PRO B 248 -19.95 2.38 7.20
N PRO B 249 -19.58 2.24 5.93
CA PRO B 249 -20.48 2.58 4.82
C PRO B 249 -21.87 1.97 4.98
N ALA B 250 -22.88 2.83 4.82
CA ALA B 250 -24.28 2.41 4.81
C ALA B 250 -25.07 3.43 4.01
N GLN B 251 -26.30 3.06 3.67
CA GLN B 251 -27.20 3.98 2.98
C GLN B 251 -27.66 5.07 3.94
N TYR B 252 -27.51 6.33 3.52
CA TYR B 252 -27.84 7.48 4.34
C TYR B 252 -28.54 8.50 3.46
N GLU B 253 -29.49 9.22 4.06
CA GLU B 253 -30.10 10.36 3.40
C GLU B 253 -29.41 11.64 3.90
N LEU B 254 -28.90 12.43 2.95
CA LEU B 254 -28.32 13.73 3.23
C LEU B 254 -29.28 14.81 2.74
N LYS B 255 -29.36 15.92 3.46
CA LYS B 255 -30.37 16.95 3.23
C LYS B 255 -29.75 18.34 3.07
N HIS B 256 -30.30 19.13 2.15
CA HIS B 256 -29.75 20.47 1.94
C HIS B 256 -29.74 21.25 3.25
N GLY B 257 -28.56 21.67 3.68
CA GLY B 257 -28.42 22.57 4.81
C GLY B 257 -28.20 21.93 6.16
N THR B 258 -28.32 20.61 6.29
CA THR B 258 -28.16 19.95 7.58
C THR B 258 -26.70 19.63 7.92
N PHE B 259 -25.78 19.74 6.95
CA PHE B 259 -24.40 19.28 7.09
C PHE B 259 -23.51 20.12 6.18
N THR B 260 -22.21 19.90 6.25
CA THR B 260 -21.23 20.70 5.50
C THR B 260 -20.71 19.98 4.26
N CYS B 261 -20.28 18.73 4.42
CA CYS B 261 -19.86 17.89 3.32
C CYS B 261 -19.75 16.48 3.85
N ALA B 262 -19.66 15.51 2.93
CA ALA B 262 -19.66 14.09 3.26
C ALA B 262 -18.74 13.33 2.31
N SER B 263 -18.43 12.09 2.70
CA SER B 263 -17.73 11.15 1.83
C SER B 263 -18.69 10.05 1.38
N GLU B 264 -18.86 9.92 0.05
CA GLU B 264 -19.59 8.82 -0.55
C GLU B 264 -18.62 7.72 -0.93
N TYR B 265 -18.97 6.47 -0.62
CA TYR B 265 -18.04 5.38 -0.86
C TYR B 265 -18.80 4.16 -1.36
N THR B 266 -18.50 3.74 -2.60
CA THR B 266 -19.06 2.51 -3.14
C THR B 266 -17.93 1.51 -3.41
N GLY B 267 -18.17 0.25 -3.10
CA GLY B 267 -17.21 -0.82 -3.26
C GLY B 267 -17.09 -1.65 -2.00
N ASN B 268 -16.22 -2.65 -2.08
CA ASN B 268 -15.94 -3.41 -0.87
C ASN B 268 -14.83 -2.71 -0.08
N TYR B 269 -14.69 -3.14 1.17
CA TYR B 269 -13.64 -2.60 2.02
C TYR B 269 -12.31 -2.69 1.30
N GLN B 270 -11.60 -1.59 1.26
CA GLN B 270 -10.24 -1.41 0.73
C GLN B 270 -10.13 -1.43 -0.82
N CYS B 271 -11.19 -1.73 -1.59
CA CYS B 271 -11.08 -1.63 -3.05
C CYS B 271 -12.11 -0.69 -3.67
N GLY B 272 -12.79 0.12 -2.87
CA GLY B 272 -13.86 0.97 -3.37
C GLY B 272 -13.39 2.28 -3.99
N HIS B 273 -14.39 3.14 -4.21
CA HIS B 273 -14.14 4.49 -4.78
C HIS B 273 -14.89 5.52 -3.96
N TYR B 274 -14.29 6.69 -3.79
CA TYR B 274 -14.87 7.80 -3.03
C TYR B 274 -15.45 8.85 -3.97
N LYS B 275 -16.57 9.43 -3.56
CA LYS B 275 -17.08 10.67 -4.12
C LYS B 275 -17.36 11.64 -2.96
N HIS B 276 -17.46 12.94 -3.27
CA HIS B 276 -17.59 14.00 -2.28
C HIS B 276 -18.92 14.74 -2.45
N ILE B 277 -19.72 14.81 -1.39
CA ILE B 277 -20.99 15.53 -1.37
C ILE B 277 -20.79 16.80 -0.55
N THR B 278 -21.09 17.95 -1.13
CA THR B 278 -21.07 19.21 -0.41
C THR B 278 -22.45 19.83 -0.46
N SER B 279 -22.93 20.32 0.67
CA SER B 279 -24.17 21.10 0.69
C SER B 279 -23.84 22.57 0.47
N LYS B 280 -24.45 23.17 -0.55
CA LYS B 280 -24.34 24.61 -0.83
C LYS B 280 -25.74 25.19 -0.95
N GLU B 281 -26.08 25.70 -2.16
CA GLU B 281 -27.45 26.11 -2.47
C GLU B 281 -28.34 24.89 -2.73
N THR B 282 -27.80 23.87 -3.40
CA THR B 282 -28.34 22.52 -3.45
C THR B 282 -27.20 21.57 -3.07
N LEU B 283 -27.49 20.28 -2.96
CA LEU B 283 -26.40 19.33 -2.80
C LEU B 283 -25.57 19.27 -4.08
N TYR B 284 -24.32 18.84 -3.95
CA TYR B 284 -23.44 18.67 -5.08
C TYR B 284 -22.57 17.44 -4.84
N CYS B 285 -22.32 16.69 -5.92
CA CYS B 285 -21.53 15.47 -5.89
C CYS B 285 -20.32 15.73 -6.78
N ILE B 286 -19.19 16.05 -6.17
CA ILE B 286 -17.94 16.28 -6.89
C ILE B 286 -17.20 14.95 -7.01
N ASP B 287 -16.91 14.53 -8.25
CA ASP B 287 -16.33 13.20 -8.52
C ASP B 287 -15.07 13.35 -9.36
N GLY B 288 -14.08 14.08 -8.82
CA GLY B 288 -12.86 14.39 -9.55
C GLY B 288 -12.98 15.74 -10.26
N ALA B 289 -13.01 15.71 -11.58
CA ALA B 289 -13.39 16.89 -12.33
C ALA B 289 -14.88 16.93 -12.66
N LEU B 290 -15.60 15.86 -12.36
CA LEU B 290 -17.02 15.77 -12.67
C LEU B 290 -17.87 16.35 -11.53
N LEU B 291 -19.07 16.82 -11.89
CA LEU B 291 -19.94 17.57 -11.00
C LEU B 291 -21.39 17.32 -11.38
N THR B 292 -22.23 16.98 -10.39
CA THR B 292 -23.66 16.73 -10.63
C THR B 292 -24.44 17.24 -9.44
N LYS B 293 -25.39 18.14 -9.69
CA LYS B 293 -26.26 18.67 -8.65
C LYS B 293 -27.47 17.77 -8.46
N SER B 294 -28.20 18.00 -7.37
CA SER B 294 -29.33 17.16 -7.00
C SER B 294 -30.01 17.75 -5.77
N SER B 295 -31.33 17.87 -5.79
CA SER B 295 -32.00 18.42 -4.61
C SER B 295 -31.78 17.51 -3.41
N GLU B 296 -31.91 16.19 -3.60
CA GLU B 296 -31.86 15.24 -2.50
C GLU B 296 -30.91 14.08 -2.83
N TYR B 297 -30.35 13.47 -1.77
CA TYR B 297 -29.29 12.48 -1.93
C TYR B 297 -29.48 11.29 -1.00
N LYS B 298 -29.49 10.11 -1.57
CA LYS B 298 -29.45 8.87 -0.82
C LYS B 298 -28.33 8.01 -1.41
N GLY B 299 -27.48 7.44 -0.56
CA GLY B 299 -26.31 6.76 -1.04
C GLY B 299 -25.45 6.21 0.07
N PRO B 300 -24.32 5.57 -0.29
CA PRO B 300 -23.44 5.01 0.75
C PRO B 300 -22.48 6.05 1.30
N ILE B 301 -22.68 6.40 2.56
CA ILE B 301 -21.94 7.48 3.20
C ILE B 301 -21.12 6.90 4.34
N THR B 302 -19.87 7.36 4.49
CA THR B 302 -18.95 6.89 5.51
C THR B 302 -18.38 8.00 6.42
N ASP B 303 -18.24 9.25 5.93
CA ASP B 303 -17.97 10.37 6.82
C ASP B 303 -18.93 11.53 6.53
N VAL B 304 -19.35 12.22 7.58
CA VAL B 304 -20.08 13.47 7.48
C VAL B 304 -19.38 14.52 8.36
N PHE B 305 -19.27 15.73 7.83
CA PHE B 305 -18.70 16.86 8.55
C PHE B 305 -19.78 17.89 8.83
N TYR B 306 -19.66 18.52 10.00
CA TYR B 306 -20.65 19.45 10.51
C TYR B 306 -19.95 20.68 11.07
N LYS B 307 -20.44 21.87 10.72
CA LYS B 307 -19.86 23.07 11.31
C LYS B 307 -20.28 23.17 12.78
N GLU B 308 -19.37 23.68 13.61
CA GLU B 308 -19.57 23.70 15.05
C GLU B 308 -18.95 24.95 15.64
N ASN B 309 -19.45 25.32 16.81
CA ASN B 309 -18.96 26.45 17.57
C ASN B 309 -18.73 25.99 19.00
N SER B 310 -19.83 25.59 19.62
CA SER B 310 -20.00 25.46 21.05
C SER B 310 -21.41 24.89 21.28
N TYR B 311 -21.51 23.84 22.08
CA TYR B 311 -22.78 23.15 22.26
C TYR B 311 -22.88 22.68 23.70
N THR B 312 -24.08 22.72 24.26
CA THR B 312 -24.36 22.12 25.55
C THR B 312 -25.68 21.36 25.47
N THR B 313 -25.73 20.18 26.08
CA THR B 313 -26.96 19.41 26.07
C THR B 313 -28.02 20.13 26.91
N THR B 314 -29.26 20.07 26.43
CA THR B 314 -30.42 20.38 27.24
C THR B 314 -30.80 19.23 28.17
N ILE B 315 -30.25 18.03 27.92
CA ILE B 315 -30.60 16.86 28.73
C ILE B 315 -29.93 17.02 30.10
N LYS B 316 -30.76 17.06 31.14
CA LYS B 316 -30.29 17.26 32.51
C LYS B 316 -30.34 15.92 33.24
#